data_5EE1
#
_entry.id   5EE1
#
_cell.length_a   56.037
_cell.length_b   70.394
_cell.length_c   117.372
_cell.angle_alpha   90.00
_cell.angle_beta   90.00
_cell.angle_gamma   90.00
#
_symmetry.space_group_name_H-M   'P 2 21 21'
#
loop_
_entity.id
_entity.type
_entity.pdbx_description
1 polymer 'Obg-like ATPase 1'
2 water water
#
_entity_poly.entity_id   1
_entity_poly.type   'polypeptide(L)'
_entity_poly.pdbx_seq_one_letter_code
;SMPPKASKKDAAPAERPILGRFSSHLKIGIVGLPNVGKSTFFNIVTKLSIPAENFPFCTIDPNEARVYVPDERFDWLCQL
YKPKSEVSAYLEINDIAGLVRGAHAGEGLGNAFLSHIRAVDGIFHVLRAFEDKEVTHIDDSVDPVRDLETIGEELRLKDI
EFVQNKIDDLEKSMKRSNDKQLKLEHELCEKVKAHLEDGKDVRFGDWKSADIEILNTFQLLTAKPVVYLVNMSEKDYQRK
KNKFLPKIHAWVQEHGGETIIPFSCAFERLLADMPPDEAAKYCAENQIASVIPKIIKTGFAAIHLIYFFTAGPDEVKCWQ
IRRQTKAPQAAGTIHTDFERGFICAEVMKFDDLKELGSESAVKAAGKYRQEGKTYVVQDGDIIFFKFNVSGGGKK
;
_entity_poly.pdbx_strand_id   A
#
# COMPACT_ATOMS: atom_id res chain seq x y z
N ARG A 16 -18.74 2.61 1.30
CA ARG A 16 -17.62 3.53 0.95
C ARG A 16 -16.46 3.64 1.97
N PRO A 17 -16.75 3.67 3.33
CA PRO A 17 -15.62 3.88 4.28
C PRO A 17 -14.53 2.80 4.28
N ILE A 18 -13.30 3.22 4.56
CA ILE A 18 -12.11 2.44 4.22
C ILE A 18 -11.65 1.56 5.36
N LEU A 19 -11.47 0.28 5.06
CA LEU A 19 -10.88 -0.68 5.99
C LEU A 19 -9.37 -0.39 6.14
N GLY A 20 -9.00 0.23 7.27
CA GLY A 20 -7.62 0.58 7.56
C GLY A 20 -7.44 1.58 8.68
N ARG A 21 -6.19 1.76 9.11
CA ARG A 21 -5.84 2.74 10.12
C ARG A 21 -6.20 4.13 9.64
N PHE A 22 -6.92 4.90 10.46
CA PHE A 22 -7.02 6.34 10.29
C PHE A 22 -5.67 6.87 10.78
N SER A 23 -4.78 7.12 9.82
CA SER A 23 -3.39 7.53 10.07
C SER A 23 -2.74 8.02 8.79
N SER A 24 -1.61 8.70 8.97
CA SER A 24 -0.83 9.29 7.87
C SER A 24 0.61 8.75 7.77
N HIS A 25 0.92 7.68 8.51
CA HIS A 25 2.23 7.07 8.42
C HIS A 25 2.06 5.58 8.20
N LEU A 26 1.52 5.26 7.02
CA LEU A 26 1.19 3.90 6.64
C LEU A 26 2.41 3.18 6.08
N LYS A 27 2.33 1.85 6.08
CA LYS A 27 3.42 1.04 5.59
C LYS A 27 2.98 -0.34 5.20
N ILE A 28 3.82 -0.99 4.42
CA ILE A 28 3.50 -2.25 3.84
C ILE A 28 4.54 -3.27 4.32
N GLY A 29 4.09 -4.44 4.77
CA GLY A 29 4.99 -5.47 5.29
C GLY A 29 5.30 -6.58 4.30
N ILE A 30 6.54 -7.03 4.27
CA ILE A 30 6.93 -8.20 3.49
C ILE A 30 6.69 -9.49 4.27
N VAL A 31 5.91 -10.37 3.64
CA VAL A 31 5.51 -11.62 4.20
C VAL A 31 5.78 -12.73 3.17
N GLY A 32 6.45 -13.78 3.60
CA GLY A 32 6.64 -14.96 2.75
C GLY A 32 7.03 -16.17 3.57
N LEU A 33 6.83 -17.36 2.99
CA LEU A 33 7.40 -18.59 3.56
C LEU A 33 8.87 -18.64 3.16
N PRO A 34 9.71 -19.31 3.98
CA PRO A 34 11.15 -19.14 3.81
C PRO A 34 11.64 -19.68 2.47
N ASN A 35 12.78 -19.16 2.03
CA ASN A 35 13.32 -19.40 0.67
C ASN A 35 12.48 -18.82 -0.49
N VAL A 36 11.52 -17.94 -0.17
CA VAL A 36 10.75 -17.19 -1.19
C VAL A 36 11.56 -15.99 -1.70
N GLY A 37 12.56 -15.56 -0.92
CA GLY A 37 13.35 -14.36 -1.20
C GLY A 37 12.76 -13.11 -0.57
N LYS A 38 12.42 -13.20 0.73
CA LYS A 38 11.86 -12.07 1.51
C LYS A 38 12.95 -11.03 1.79
N SER A 39 14.03 -11.49 2.41
CA SER A 39 15.15 -10.63 2.69
C SER A 39 15.81 -10.19 1.39
N THR A 40 15.74 -11.03 0.35
CA THR A 40 16.33 -10.67 -0.95
C THR A 40 15.56 -9.56 -1.63
N PHE A 41 14.23 -9.57 -1.52
CA PHE A 41 13.43 -8.44 -2.00
C PHE A 41 13.70 -7.21 -1.14
N PHE A 42 13.74 -7.40 0.17
CA PHE A 42 14.08 -6.27 1.04
C PHE A 42 15.43 -5.66 0.67
N ASN A 43 16.41 -6.49 0.29
CA ASN A 43 17.74 -5.98 -0.06
C ASN A 43 17.75 -5.14 -1.33
N ILE A 44 16.86 -5.44 -2.25
CA ILE A 44 16.68 -4.62 -3.44
C ILE A 44 16.12 -3.26 -3.01
N VAL A 45 15.09 -3.33 -2.19
CA VAL A 45 14.43 -2.14 -1.65
C VAL A 45 15.36 -1.20 -0.85
N THR A 46 16.09 -1.77 0.11
CA THR A 46 17.13 -1.07 0.85
C THR A 46 18.12 -0.38 -0.06
N LYS A 47 18.60 -1.10 -1.07
CA LYS A 47 19.53 -0.54 -2.06
C LYS A 47 18.92 0.69 -2.76
N LEU A 48 17.60 0.71 -2.98
CA LEU A 48 16.91 1.85 -3.62
C LEU A 48 16.31 2.86 -2.63
N SER A 49 16.46 2.65 -1.34
CA SER A 49 15.78 3.47 -0.34
C SER A 49 16.33 4.90 -0.23
N ILE A 50 15.51 5.77 0.32
CA ILE A 50 15.85 7.17 0.53
C ILE A 50 16.71 7.24 1.79
N PRO A 51 17.86 7.93 1.74
CA PRO A 51 18.68 7.90 2.96
C PRO A 51 17.96 8.47 4.20
N ALA A 52 18.09 7.78 5.34
CA ALA A 52 17.40 8.16 6.58
C ALA A 52 17.55 9.61 7.05
N GLU A 53 18.71 10.21 6.81
CA GLU A 53 18.94 11.62 7.19
C GLU A 53 17.99 12.63 6.54
N ASN A 54 17.30 12.21 5.48
CA ASN A 54 16.19 13.00 4.92
C ASN A 54 14.88 12.98 5.71
N PHE A 55 14.78 12.14 6.75
CA PHE A 55 13.57 12.05 7.57
C PHE A 55 13.89 12.36 9.03
N PRO A 56 14.32 13.60 9.30
CA PRO A 56 14.83 13.92 10.63
C PRO A 56 13.79 13.79 11.77
N PHE A 57 12.50 13.83 11.46
CA PHE A 57 11.47 13.53 12.48
C PHE A 57 11.37 12.04 12.85
N CYS A 58 12.04 11.16 12.12
CA CYS A 58 11.85 9.73 12.26
C CYS A 58 13.14 9.03 12.63
N THR A 59 12.95 7.83 13.15
CA THR A 59 13.98 6.86 13.39
C THR A 59 13.64 5.65 12.54
N ILE A 60 14.50 5.37 11.55
CA ILE A 60 14.21 4.32 10.59
C ILE A 60 14.96 3.07 11.01
N ASP A 61 14.24 2.08 11.56
CA ASP A 61 14.89 0.83 11.98
C ASP A 61 15.56 0.18 10.78
N PRO A 62 16.60 -0.62 11.01
CA PRO A 62 17.32 -1.20 9.86
C PRO A 62 16.49 -2.21 9.02
N ASN A 63 15.36 -2.67 9.57
CA ASN A 63 14.37 -3.52 8.86
C ASN A 63 13.27 -2.73 8.11
N GLU A 64 13.42 -1.42 8.00
CA GLU A 64 12.48 -0.58 7.31
C GLU A 64 13.23 0.16 6.21
N ALA A 65 12.51 0.50 5.15
CA ALA A 65 13.02 1.30 4.07
C ALA A 65 11.92 2.13 3.46
N ARG A 66 12.31 3.27 2.89
CA ARG A 66 11.41 4.20 2.24
C ARG A 66 11.87 4.51 0.84
N VAL A 67 11.02 4.22 -0.13
CA VAL A 67 11.34 4.40 -1.54
C VAL A 67 10.43 5.42 -2.20
N TYR A 68 11.01 6.27 -3.03
CA TYR A 68 10.26 7.22 -3.83
C TYR A 68 9.27 6.49 -4.71
N VAL A 69 8.03 7.01 -4.77
CA VAL A 69 6.99 6.50 -5.64
C VAL A 69 7.18 7.20 -6.98
N PRO A 70 7.51 6.44 -8.05
CA PRO A 70 7.71 7.10 -9.37
C PRO A 70 6.37 7.47 -10.01
N ASP A 71 6.35 8.56 -10.74
CA ASP A 71 5.12 9.08 -11.33
C ASP A 71 5.42 9.94 -12.54
N GLU A 72 4.92 9.53 -13.69
CA GLU A 72 5.18 10.23 -14.94
C GLU A 72 4.55 11.61 -14.97
N ARG A 73 3.39 11.76 -14.32
CA ARG A 73 2.74 13.07 -14.22
C ARG A 73 3.62 14.06 -13.48
N PHE A 74 4.12 13.61 -12.33
CA PHE A 74 5.03 14.39 -11.52
C PHE A 74 6.25 14.86 -12.29
N ASP A 75 6.85 13.94 -13.06
CA ASP A 75 8.06 14.27 -13.82
C ASP A 75 7.71 15.31 -14.90
N TRP A 76 6.53 15.20 -15.51
CA TRP A 76 6.10 16.17 -16.53
C TRP A 76 5.90 17.57 -15.96
N LEU A 77 5.32 17.62 -14.75
CA LEU A 77 5.14 18.88 -14.05
C LEU A 77 6.46 19.57 -13.75
N CYS A 78 7.45 18.77 -13.34
CA CYS A 78 8.83 19.26 -13.12
C CYS A 78 9.49 19.81 -14.40
N GLN A 79 9.28 19.16 -15.54
CA GLN A 79 9.75 19.65 -16.85
C GLN A 79 9.05 20.95 -17.23
N LEU A 80 7.78 21.08 -16.91
CA LEU A 80 7.03 22.31 -17.22
C LEU A 80 7.42 23.48 -16.34
N TYR A 81 7.48 23.28 -15.03
CA TYR A 81 7.76 24.37 -14.09
C TYR A 81 9.24 24.57 -13.71
N LYS A 82 10.08 23.55 -13.98
CA LYS A 82 11.49 23.54 -13.56
C LYS A 82 11.71 24.11 -12.15
N PRO A 83 11.01 23.55 -11.16
CA PRO A 83 10.95 24.20 -9.87
C PRO A 83 12.25 24.10 -9.09
N LYS A 84 12.38 24.97 -8.10
CA LYS A 84 13.52 24.96 -7.19
C LYS A 84 13.47 23.78 -6.21
N SER A 85 12.27 23.30 -5.91
CA SER A 85 12.11 22.11 -5.08
C SER A 85 11.24 21.08 -5.79
N GLU A 86 11.72 19.83 -5.77
CA GLU A 86 10.98 18.67 -6.28
C GLU A 86 10.87 17.67 -5.14
N VAL A 87 9.64 17.29 -4.78
CA VAL A 87 9.40 16.41 -3.64
C VAL A 87 8.43 15.34 -4.05
N SER A 88 8.88 14.10 -4.02
CA SER A 88 8.04 12.94 -4.34
C SER A 88 7.44 12.38 -3.06
N ALA A 89 6.45 11.51 -3.24
CA ALA A 89 5.89 10.70 -2.19
C ALA A 89 6.76 9.51 -2.06
N TYR A 90 6.61 8.80 -0.94
CA TYR A 90 7.37 7.60 -0.71
C TYR A 90 6.49 6.51 -0.13
N LEU A 91 6.96 5.28 -0.23
CA LEU A 91 6.32 4.12 0.35
C LEU A 91 7.28 3.54 1.38
N GLU A 92 6.77 3.30 2.58
CA GLU A 92 7.53 2.68 3.63
C GLU A 92 7.26 1.19 3.56
N ILE A 93 8.33 0.42 3.57
CA ILE A 93 8.29 -1.04 3.42
C ILE A 93 9.03 -1.67 4.59
N ASN A 94 8.42 -2.69 5.20
CA ASN A 94 8.97 -3.38 6.36
C ASN A 94 9.25 -4.82 6.01
N ASP A 95 10.50 -5.24 6.22
CA ASP A 95 10.83 -6.65 6.24
C ASP A 95 10.63 -7.22 7.64
N ILE A 96 9.61 -8.06 7.78
CA ILE A 96 9.25 -8.66 9.07
C ILE A 96 10.16 -9.83 9.46
N ALA A 97 10.65 -10.60 8.49
CA ALA A 97 11.59 -11.70 8.75
C ALA A 97 12.82 -11.30 9.57
N GLY A 98 13.36 -10.11 9.30
CA GLY A 98 14.56 -9.61 10.00
C GLY A 98 14.42 -9.38 11.50
N LEU A 99 13.21 -9.08 11.95
CA LEU A 99 12.91 -8.90 13.37
C LEU A 99 12.81 -10.22 14.15
N VAL A 100 12.52 -11.33 13.45
CA VAL A 100 12.25 -12.63 14.07
C VAL A 100 13.47 -13.55 13.80
N ARG A 101 13.27 -14.85 13.58
CA ARG A 101 14.37 -15.83 13.42
C ARG A 101 15.04 -16.12 14.76
N HIS A 104 10.25 -19.46 15.72
CA HIS A 104 9.21 -20.42 15.36
C HIS A 104 9.80 -21.74 14.89
N ALA A 105 9.14 -22.84 15.27
CA ALA A 105 9.59 -24.20 14.93
C ALA A 105 9.55 -24.48 13.42
N GLY A 106 8.34 -24.57 12.84
CA GLY A 106 8.21 -24.81 11.40
C GLY A 106 6.77 -24.90 10.91
N GLU A 107 6.64 -25.00 9.58
CA GLU A 107 5.35 -25.15 8.86
C GLU A 107 4.51 -23.85 8.85
N GLY A 108 5.14 -22.74 8.49
CA GLY A 108 4.49 -21.43 8.43
C GLY A 108 5.32 -20.33 9.08
N LEU A 109 4.62 -19.30 9.56
CA LEU A 109 5.21 -18.15 10.27
C LEU A 109 5.02 -18.32 11.78
N GLY A 110 5.76 -17.56 12.57
CA GLY A 110 5.56 -17.60 14.03
C GLY A 110 4.23 -17.01 14.49
N ASN A 111 4.01 -17.03 15.80
CA ASN A 111 3.15 -16.04 16.45
C ASN A 111 3.92 -14.73 16.60
N ALA A 112 5.24 -14.85 16.70
CA ALA A 112 6.13 -13.70 16.79
C ALA A 112 6.01 -12.87 15.51
N PHE A 113 6.11 -13.56 14.37
CA PHE A 113 5.96 -12.95 13.05
C PHE A 113 4.59 -12.27 12.92
N LEU A 114 3.54 -12.98 13.29
CA LEU A 114 2.16 -12.48 13.24
C LEU A 114 1.90 -11.21 14.06
N SER A 115 2.58 -11.03 15.18
CA SER A 115 2.39 -9.83 16.02
C SER A 115 2.95 -8.58 15.35
N HIS A 116 3.97 -8.74 14.51
CA HIS A 116 4.56 -7.60 13.75
C HIS A 116 3.78 -7.20 12.50
N ILE A 117 2.91 -8.09 12.02
CA ILE A 117 2.03 -7.81 10.91
C ILE A 117 0.94 -6.82 11.31
N ARG A 118 0.48 -6.89 12.56
CA ARG A 118 -0.56 -5.96 13.05
C ARG A 118 -0.13 -4.52 12.84
N ALA A 119 1.17 -4.30 13.00
CA ALA A 119 1.79 -2.99 12.83
C ALA A 119 1.91 -2.46 11.39
N VAL A 120 1.66 -3.30 10.37
CA VAL A 120 1.64 -2.83 8.98
C VAL A 120 0.24 -2.67 8.46
N ASP A 121 0.12 -1.96 7.34
CA ASP A 121 -1.16 -1.56 6.77
C ASP A 121 -1.57 -2.37 5.54
N GLY A 122 -0.60 -3.00 4.89
CA GLY A 122 -0.86 -3.95 3.82
C GLY A 122 0.32 -4.88 3.71
N ILE A 123 0.24 -5.83 2.79
CA ILE A 123 1.21 -6.91 2.68
C ILE A 123 1.67 -7.13 1.25
N PHE A 124 2.96 -7.08 1.04
CA PHE A 124 3.57 -7.66 -0.14
C PHE A 124 3.80 -9.15 0.16
N HIS A 125 2.91 -9.99 -0.35
CA HIS A 125 2.99 -11.44 -0.15
C HIS A 125 3.90 -12.00 -1.22
N VAL A 126 5.10 -12.40 -0.85
CA VAL A 126 6.07 -12.91 -1.80
C VAL A 126 5.91 -14.40 -1.94
N LEU A 127 5.79 -14.87 -3.19
CA LEU A 127 5.64 -16.30 -3.48
C LEU A 127 6.82 -16.86 -4.25
N ARG A 128 7.18 -18.10 -3.92
CA ARG A 128 8.27 -18.84 -4.54
C ARG A 128 7.69 -19.59 -5.75
N ALA A 129 8.13 -19.21 -6.95
CA ALA A 129 7.72 -19.87 -8.20
C ALA A 129 8.92 -20.25 -9.05
N PHE A 130 9.96 -20.78 -8.42
CA PHE A 130 11.11 -21.33 -9.14
C PHE A 130 11.45 -22.71 -8.61
N GLU A 131 12.13 -23.50 -9.43
CA GLU A 131 12.63 -24.83 -9.02
C GLU A 131 14.11 -24.82 -8.59
N ASP A 132 14.53 -25.92 -7.96
CA ASP A 132 15.89 -26.08 -7.44
C ASP A 132 16.91 -26.19 -8.58
N SER A 141 10.07 -28.99 -1.36
CA SER A 141 9.15 -29.02 -2.50
C SER A 141 8.57 -27.63 -2.81
N VAL A 142 8.06 -27.47 -4.03
CA VAL A 142 7.66 -26.15 -4.56
C VAL A 142 6.17 -26.13 -4.88
N ASP A 143 5.39 -25.42 -4.09
CA ASP A 143 3.96 -25.28 -4.33
C ASP A 143 3.46 -23.92 -3.80
N PRO A 144 3.60 -22.86 -4.62
CA PRO A 144 3.11 -21.54 -4.20
C PRO A 144 1.65 -21.51 -3.73
N VAL A 145 0.81 -22.38 -4.29
CA VAL A 145 -0.62 -22.43 -3.94
C VAL A 145 -0.80 -23.01 -2.53
N ARG A 146 0.02 -23.99 -2.20
CA ARG A 146 0.06 -24.57 -0.86
C ARG A 146 0.47 -23.48 0.14
N ASP A 147 1.46 -22.68 -0.24
CA ASP A 147 1.99 -21.61 0.60
C ASP A 147 0.99 -20.48 0.80
N LEU A 148 0.20 -20.19 -0.23
CA LEU A 148 -0.92 -19.30 -0.07
C LEU A 148 -1.84 -19.87 0.97
N GLU A 149 -2.24 -21.12 0.80
CA GLU A 149 -3.20 -21.73 1.74
C GLU A 149 -2.66 -21.75 3.18
N THR A 150 -1.39 -22.11 3.34
CA THR A 150 -0.76 -22.13 4.65
C THR A 150 -0.91 -20.77 5.35
N ILE A 151 -0.49 -19.70 4.67
CA ILE A 151 -0.46 -18.37 5.28
C ILE A 151 -1.87 -17.83 5.54
N GLY A 152 -2.78 -18.02 4.60
CA GLY A 152 -4.16 -17.59 4.75
C GLY A 152 -4.91 -18.27 5.87
N GLU A 153 -4.68 -19.58 6.03
CA GLU A 153 -5.23 -20.37 7.15
C GLU A 153 -4.65 -19.86 8.46
N GLU A 154 -3.34 -19.60 8.45
CA GLU A 154 -2.62 -19.15 9.64
C GLU A 154 -2.98 -17.73 10.08
N LEU A 155 -3.33 -16.88 9.11
CA LEU A 155 -3.78 -15.53 9.39
C LEU A 155 -5.21 -15.54 9.92
N ARG A 156 -6.08 -16.34 9.30
CA ARG A 156 -7.46 -16.44 9.77
C ARG A 156 -7.54 -17.00 11.19
N LEU A 157 -6.79 -18.09 11.46
CA LEU A 157 -6.71 -18.66 12.81
C LEU A 157 -6.34 -17.57 13.82
N LYS A 158 -5.27 -16.82 13.55
CA LYS A 158 -4.88 -15.73 14.46
C LYS A 158 -5.98 -14.66 14.61
N ASP A 159 -6.66 -14.35 13.50
CA ASP A 159 -7.81 -13.46 13.56
C ASP A 159 -8.93 -14.05 14.44
N ILE A 160 -9.26 -15.33 14.23
CA ILE A 160 -10.26 -16.01 15.07
C ILE A 160 -9.90 -15.95 16.55
N GLU A 161 -8.63 -16.15 16.89
CA GLU A 161 -8.17 -16.08 18.27
C GLU A 161 -8.52 -14.71 18.83
N PHE A 162 -8.11 -13.66 18.12
CA PHE A 162 -8.36 -12.28 18.54
C PHE A 162 -9.84 -12.02 18.83
N VAL A 163 -10.67 -12.38 17.86
CA VAL A 163 -12.11 -12.12 17.88
C VAL A 163 -12.80 -12.93 19.00
N GLN A 164 -12.30 -14.15 19.27
CA GLN A 164 -12.82 -14.97 20.35
C GLN A 164 -12.54 -14.29 21.68
N ASN A 165 -11.28 -13.92 21.88
CA ASN A 165 -10.87 -13.20 23.08
C ASN A 165 -11.68 -11.94 23.25
N LYS A 166 -11.93 -11.21 22.15
CA LYS A 166 -12.79 -10.02 22.22
C LYS A 166 -14.23 -10.39 22.59
N ILE A 167 -14.71 -11.53 22.09
CA ILE A 167 -16.01 -12.08 22.51
C ILE A 167 -16.01 -12.37 24.02
N ASP A 168 -14.99 -13.07 24.52
CA ASP A 168 -14.90 -13.40 25.94
C ASP A 168 -14.99 -12.14 26.83
N ASP A 169 -14.19 -11.13 26.49
CA ASP A 169 -14.15 -9.89 27.27
C ASP A 169 -15.48 -9.16 27.21
N LEU A 170 -16.09 -9.12 26.04
CA LEU A 170 -17.35 -8.40 25.86
C LEU A 170 -18.48 -8.96 26.73
N GLU A 171 -18.65 -10.28 26.73
CA GLU A 171 -19.76 -10.86 27.49
C GLU A 171 -19.50 -10.81 29.02
N LYS A 172 -18.24 -10.85 29.45
CA LYS A 172 -17.87 -10.54 30.84
C LYS A 172 -18.35 -9.13 31.24
N SER A 173 -18.12 -8.16 30.37
CA SER A 173 -18.54 -6.78 30.62
C SER A 173 -20.05 -6.62 30.61
N MET A 174 -20.71 -7.23 29.62
CA MET A 174 -22.18 -7.20 29.48
C MET A 174 -22.94 -7.81 30.67
N LYS A 175 -22.31 -8.77 31.36
CA LYS A 175 -22.81 -9.29 32.63
C LYS A 175 -22.89 -8.19 33.69
N ARG A 176 -21.86 -7.37 33.82
CA ARG A 176 -21.85 -6.24 34.79
C ARG A 176 -22.11 -4.85 34.19
N SER A 177 -22.57 -4.75 32.94
CA SER A 177 -22.95 -3.44 32.37
C SER A 177 -23.97 -3.52 31.25
N ASN A 178 -24.62 -2.39 31.00
CA ASN A 178 -25.71 -2.28 30.02
C ASN A 178 -25.34 -1.36 28.85
N ASP A 179 -24.07 -1.00 28.73
CA ASP A 179 -23.55 -0.16 27.64
C ASP A 179 -24.00 -0.70 26.26
N LYS A 180 -24.62 0.14 25.44
CA LYS A 180 -25.18 -0.29 24.15
C LYS A 180 -24.07 -0.68 23.17
N GLN A 181 -22.93 -0.01 23.29
CA GLN A 181 -21.70 -0.34 22.54
C GLN A 181 -21.34 -1.82 22.58
N LEU A 182 -21.47 -2.41 23.75
CA LEU A 182 -21.05 -3.77 23.97
C LEU A 182 -21.84 -4.79 23.14
N LYS A 183 -23.16 -4.65 23.07
CA LYS A 183 -23.98 -5.55 22.23
C LYS A 183 -23.62 -5.46 20.75
N LEU A 184 -23.29 -4.26 20.31
CA LEU A 184 -22.98 -4.02 18.89
C LEU A 184 -21.68 -4.71 18.49
N GLU A 185 -20.62 -4.47 19.26
CA GLU A 185 -19.34 -5.13 19.05
C GLU A 185 -19.49 -6.64 19.08
N HIS A 186 -20.22 -7.14 20.08
CA HIS A 186 -20.48 -8.58 20.21
C HIS A 186 -21.21 -9.13 18.96
N GLU A 187 -22.25 -8.41 18.54
CA GLU A 187 -23.04 -8.75 17.36
C GLU A 187 -22.11 -8.87 16.12
N LEU A 188 -21.12 -7.96 16.03
CA LEU A 188 -20.14 -7.96 14.94
C LEU A 188 -19.09 -9.05 15.10
N CYS A 189 -18.42 -9.06 16.24
CA CYS A 189 -17.48 -10.14 16.53
C CYS A 189 -18.05 -11.50 16.10
N GLU A 190 -19.32 -11.78 16.41
CA GLU A 190 -19.96 -13.05 16.03
C GLU A 190 -20.07 -13.24 14.51
N LYS A 191 -20.54 -12.19 13.82
CA LYS A 191 -20.56 -12.16 12.34
C LYS A 191 -19.16 -12.44 11.76
N VAL A 192 -18.16 -11.80 12.35
CA VAL A 192 -16.79 -11.90 11.89
C VAL A 192 -16.23 -13.29 12.17
N LYS A 193 -16.58 -13.86 13.32
CA LYS A 193 -16.16 -15.22 13.64
C LYS A 193 -16.72 -16.26 12.64
N ALA A 194 -17.98 -16.11 12.24
CA ALA A 194 -18.58 -17.04 11.27
C ALA A 194 -17.84 -16.95 9.94
N HIS A 195 -17.73 -15.72 9.44
CA HIS A 195 -17.05 -15.40 8.19
C HIS A 195 -15.64 -16.01 8.16
N LEU A 196 -14.89 -15.82 9.23
CA LEU A 196 -13.53 -16.36 9.31
C LEU A 196 -13.52 -17.89 9.35
N GLU A 197 -14.38 -18.47 10.19
CA GLU A 197 -14.53 -19.92 10.30
C GLU A 197 -15.01 -20.54 9.00
N ASP A 198 -15.79 -19.76 8.26
CA ASP A 198 -16.22 -20.17 6.93
C ASP A 198 -15.09 -20.19 5.87
N GLY A 199 -13.86 -19.82 6.25
CA GLY A 199 -12.72 -19.77 5.34
C GLY A 199 -12.47 -18.44 4.64
N LYS A 200 -13.25 -17.40 4.96
CA LYS A 200 -13.20 -16.11 4.25
C LYS A 200 -12.44 -15.04 5.03
N ASP A 201 -11.70 -14.19 4.32
CA ASP A 201 -10.82 -13.16 4.90
C ASP A 201 -11.61 -11.90 5.14
N VAL A 202 -11.26 -11.18 6.20
CA VAL A 202 -12.14 -10.12 6.68
C VAL A 202 -12.43 -9.10 5.59
N ARG A 203 -11.41 -8.74 4.84
CA ARG A 203 -11.49 -7.61 3.90
C ARG A 203 -12.43 -7.89 2.73
N PHE A 204 -12.74 -9.16 2.49
CA PHE A 204 -13.67 -9.55 1.43
C PHE A 204 -15.12 -9.74 1.90
N GLY A 205 -15.35 -9.68 3.20
CA GLY A 205 -16.70 -9.57 3.72
C GLY A 205 -17.37 -8.28 3.28
N ASP A 206 -18.68 -8.28 3.36
CA ASP A 206 -19.49 -7.13 3.01
C ASP A 206 -20.02 -6.48 4.30
N TRP A 207 -19.36 -5.40 4.72
CA TRP A 207 -19.63 -4.77 6.02
C TRP A 207 -20.27 -3.40 5.84
N LYS A 208 -21.27 -3.09 6.67
CA LYS A 208 -21.84 -1.72 6.74
C LYS A 208 -20.93 -0.77 7.53
N SER A 209 -21.10 0.53 7.30
CA SER A 209 -20.21 1.56 7.83
C SER A 209 -19.94 1.43 9.32
N ALA A 210 -20.96 1.02 10.06
CA ALA A 210 -20.84 0.77 11.49
C ALA A 210 -19.77 -0.28 11.78
N ASP A 211 -19.86 -1.40 11.08
CA ASP A 211 -18.99 -2.56 11.27
C ASP A 211 -17.52 -2.22 11.01
N ILE A 212 -17.29 -1.52 9.91
CA ILE A 212 -15.95 -1.09 9.50
C ILE A 212 -15.31 -0.16 10.52
N GLU A 213 -16.12 0.72 11.11
CA GLU A 213 -15.68 1.58 12.22
C GLU A 213 -15.12 0.75 13.35
N ILE A 214 -15.84 -0.31 13.70
CA ILE A 214 -15.44 -1.21 14.79
C ILE A 214 -14.22 -2.06 14.40
N LEU A 215 -14.26 -2.61 13.19
CA LEU A 215 -13.14 -3.41 12.67
C LEU A 215 -11.82 -2.66 12.63
N ASN A 216 -11.88 -1.39 12.26
CA ASN A 216 -10.68 -0.55 12.28
C ASN A 216 -10.07 -0.33 13.67
N THR A 217 -10.80 -0.62 14.74
CA THR A 217 -10.22 -0.61 16.09
C THR A 217 -9.51 -1.92 16.40
N PHE A 218 -9.91 -3.02 15.73
CA PHE A 218 -9.26 -4.33 15.93
C PHE A 218 -8.00 -4.50 15.10
N GLN A 219 -7.97 -3.90 13.91
CA GLN A 219 -6.86 -4.06 12.97
C GLN A 219 -6.52 -5.54 12.74
N LEU A 220 -7.48 -6.26 12.19
CA LEU A 220 -7.31 -7.69 11.98
C LEU A 220 -6.36 -7.94 10.82
N LEU A 221 -5.65 -9.06 10.88
CA LEU A 221 -4.59 -9.37 9.93
C LEU A 221 -5.13 -9.50 8.52
N THR A 222 -6.21 -10.26 8.36
CA THR A 222 -6.81 -10.52 7.05
C THR A 222 -7.68 -9.38 6.55
N ALA A 223 -7.86 -8.35 7.40
CA ALA A 223 -8.41 -7.06 6.99
C ALA A 223 -7.43 -6.24 6.14
N LYS A 224 -6.16 -6.62 6.15
CA LYS A 224 -5.10 -5.89 5.46
C LYS A 224 -5.00 -6.32 3.98
N PRO A 225 -4.94 -5.35 3.07
CA PRO A 225 -4.83 -5.69 1.65
C PRO A 225 -3.48 -6.26 1.25
N VAL A 226 -3.48 -7.03 0.16
CA VAL A 226 -2.29 -7.72 -0.31
C VAL A 226 -2.05 -7.53 -1.81
N VAL A 227 -0.77 -7.47 -2.12
CA VAL A 227 -0.30 -7.46 -3.48
C VAL A 227 0.63 -8.65 -3.53
N TYR A 228 0.33 -9.60 -4.43
CA TYR A 228 1.11 -10.81 -4.53
C TYR A 228 2.28 -10.56 -5.43
N LEU A 229 3.47 -10.81 -4.93
CA LEU A 229 4.70 -10.72 -5.74
C LEU A 229 5.19 -12.13 -6.03
N VAL A 230 5.18 -12.50 -7.30
CA VAL A 230 5.54 -13.87 -7.70
C VAL A 230 6.98 -13.91 -8.18
N ASN A 231 7.84 -14.48 -7.33
CA ASN A 231 9.28 -14.51 -7.55
C ASN A 231 9.66 -15.69 -8.44
N MET A 232 10.45 -15.39 -9.46
CA MET A 232 10.83 -16.37 -10.47
C MET A 232 12.22 -16.09 -11.05
N SER A 233 12.73 -17.05 -11.81
CA SER A 233 14.04 -16.88 -12.46
C SER A 233 13.94 -15.74 -13.44
N GLU A 234 15.08 -15.13 -13.75
CA GLU A 234 15.16 -14.10 -14.79
C GLU A 234 14.61 -14.60 -16.11
N LYS A 235 14.84 -15.87 -16.41
CA LYS A 235 14.41 -16.45 -17.68
C LYS A 235 12.89 -16.47 -17.77
N ASP A 236 12.22 -17.00 -16.75
CA ASP A 236 10.75 -17.06 -16.74
C ASP A 236 10.11 -15.67 -16.84
N TYR A 237 10.72 -14.70 -16.15
CA TYR A 237 10.22 -13.34 -16.11
C TYR A 237 10.43 -12.62 -17.43
N GLN A 238 11.56 -12.87 -18.08
CA GLN A 238 11.87 -12.25 -19.35
C GLN A 238 10.94 -12.78 -20.43
N ARG A 239 10.67 -14.09 -20.42
CA ARG A 239 9.79 -14.66 -21.45
C ARG A 239 8.31 -14.68 -21.04
N LYS A 240 8.00 -14.01 -19.94
CA LYS A 240 6.64 -13.77 -19.48
C LYS A 240 5.82 -15.05 -19.39
N LYS A 241 6.46 -16.07 -18.83
CA LYS A 241 5.96 -17.43 -18.90
C LYS A 241 6.48 -18.19 -17.70
N ASN A 242 5.58 -18.81 -16.97
CA ASN A 242 5.93 -19.48 -15.75
C ASN A 242 4.89 -20.53 -15.40
N LYS A 243 5.36 -21.74 -15.10
CA LYS A 243 4.48 -22.89 -14.91
C LYS A 243 3.54 -22.78 -13.72
N PHE A 244 3.98 -22.17 -12.62
CA PHE A 244 3.10 -22.05 -11.44
C PHE A 244 2.05 -20.94 -11.55
N LEU A 245 2.25 -19.98 -12.45
CA LEU A 245 1.45 -18.75 -12.46
C LEU A 245 -0.03 -18.90 -12.90
N PRO A 246 -0.32 -19.84 -13.82
CA PRO A 246 -1.74 -20.12 -14.07
C PRO A 246 -2.52 -20.59 -12.82
N LYS A 247 -1.97 -21.53 -12.07
CA LYS A 247 -2.67 -22.02 -10.89
C LYS A 247 -2.75 -20.89 -9.84
N ILE A 248 -1.62 -20.24 -9.57
CA ILE A 248 -1.58 -19.11 -8.64
C ILE A 248 -2.64 -18.08 -9.03
N HIS A 249 -2.62 -17.68 -10.30
CA HIS A 249 -3.62 -16.77 -10.81
C HIS A 249 -5.04 -17.31 -10.54
N ALA A 250 -5.28 -18.57 -10.88
CA ALA A 250 -6.60 -19.17 -10.70
C ALA A 250 -7.01 -19.12 -9.24
N TRP A 251 -6.08 -19.42 -8.34
CA TRP A 251 -6.35 -19.34 -6.90
C TRP A 251 -6.70 -17.91 -6.45
N VAL A 252 -5.96 -16.94 -6.98
CA VAL A 252 -6.15 -15.54 -6.59
C VAL A 252 -7.47 -14.99 -7.09
N GLN A 253 -7.92 -15.38 -8.27
CA GLN A 253 -9.25 -14.92 -8.73
C GLN A 253 -10.38 -15.48 -7.85
N GLU A 254 -10.15 -16.64 -7.26
CA GLU A 254 -11.13 -17.28 -6.38
C GLU A 254 -10.92 -16.88 -4.91
N HIS A 255 -10.02 -15.93 -4.63
CA HIS A 255 -9.76 -15.44 -3.27
C HIS A 255 -9.54 -13.93 -3.25
N GLY A 256 -10.50 -13.17 -3.79
CA GLY A 256 -10.47 -11.69 -3.76
C GLY A 256 -9.89 -10.95 -4.95
N GLY A 257 -9.15 -11.66 -5.79
CA GLY A 257 -8.69 -11.11 -7.06
C GLY A 257 -7.74 -9.94 -6.96
N GLU A 258 -6.88 -9.94 -5.96
CA GLU A 258 -5.91 -8.85 -5.80
C GLU A 258 -4.79 -8.93 -6.84
N THR A 259 -4.06 -7.85 -6.97
CA THR A 259 -3.05 -7.71 -7.99
C THR A 259 -1.95 -8.74 -7.80
N ILE A 260 -1.51 -9.31 -8.92
CA ILE A 260 -0.40 -10.24 -8.97
C ILE A 260 0.68 -9.65 -9.88
N ILE A 261 1.91 -9.59 -9.36
CA ILE A 261 3.03 -9.00 -10.08
C ILE A 261 4.18 -9.98 -10.09
N PRO A 262 4.43 -10.59 -11.26
CA PRO A 262 5.66 -11.36 -11.43
C PRO A 262 6.91 -10.50 -11.36
N PHE A 263 7.93 -11.03 -10.74
CA PHE A 263 9.25 -10.38 -10.69
C PHE A 263 10.31 -11.43 -10.47
N SER A 264 11.57 -11.05 -10.68
CA SER A 264 12.71 -11.92 -10.43
C SER A 264 13.65 -11.15 -9.51
N CYS A 265 13.72 -11.60 -8.25
CA CYS A 265 14.65 -11.04 -7.26
C CYS A 265 16.08 -10.98 -7.78
N ALA A 266 16.50 -12.06 -8.43
CA ALA A 266 17.86 -12.20 -8.95
C ALA A 266 18.17 -11.15 -9.99
N PHE A 267 17.29 -11.02 -10.96
CA PHE A 267 17.44 -10.00 -12.01
C PHE A 267 17.42 -8.59 -11.41
N GLU A 268 16.47 -8.32 -10.51
CA GLU A 268 16.32 -6.96 -9.96
C GLU A 268 17.55 -6.61 -9.12
N ARG A 269 18.00 -7.55 -8.30
CA ARG A 269 19.28 -7.45 -7.56
C ARG A 269 20.44 -7.17 -8.53
N LEU A 270 20.50 -7.96 -9.60
CA LEU A 270 21.55 -7.80 -10.57
C LEU A 270 21.47 -6.41 -11.24
N LEU A 271 20.25 -5.96 -11.54
CA LEU A 271 20.08 -4.70 -12.25
C LEU A 271 20.38 -3.49 -11.38
N ALA A 272 20.03 -3.61 -10.10
CA ALA A 272 20.24 -2.55 -9.11
C ALA A 272 21.73 -2.29 -8.78
N ASP A 273 22.59 -3.31 -8.87
CA ASP A 273 24.06 -3.15 -8.70
C ASP A 273 24.80 -2.63 -9.95
N MET A 274 24.11 -2.41 -11.05
CA MET A 274 24.72 -1.86 -12.25
C MET A 274 24.66 -0.33 -12.22
N PRO A 275 25.68 0.34 -12.79
CA PRO A 275 25.52 1.74 -13.18
C PRO A 275 24.34 1.93 -14.12
N PRO A 276 23.78 3.15 -14.19
CA PRO A 276 22.58 3.39 -15.01
C PRO A 276 22.69 3.00 -16.49
N ASP A 277 23.82 3.30 -17.12
CA ASP A 277 23.99 3.05 -18.56
C ASP A 277 24.21 1.56 -18.90
N GLU A 278 24.88 0.83 -18.01
CA GLU A 278 25.07 -0.62 -18.16
C GLU A 278 23.70 -1.29 -18.02
N ALA A 279 22.94 -0.84 -17.04
CA ALA A 279 21.55 -1.28 -16.83
C ALA A 279 20.67 -1.11 -18.07
N ALA A 280 20.73 0.07 -18.69
CA ALA A 280 19.91 0.32 -19.89
C ALA A 280 20.34 -0.55 -21.04
N LYS A 281 21.66 -0.79 -21.17
CA LYS A 281 22.22 -1.70 -22.16
C LYS A 281 21.67 -3.10 -21.96
N TYR A 282 21.78 -3.59 -20.74
CA TYR A 282 21.25 -4.92 -20.37
C TYR A 282 19.77 -5.05 -20.67
N CYS A 283 19.00 -4.00 -20.43
CA CYS A 283 17.56 -4.06 -20.72
C CYS A 283 17.29 -4.18 -22.23
N ALA A 284 18.03 -3.42 -23.02
CA ALA A 284 17.89 -3.43 -24.47
C ALA A 284 18.44 -4.73 -25.07
N GLU A 285 19.69 -5.08 -24.76
CA GLU A 285 20.30 -6.33 -25.27
C GLU A 285 19.53 -7.61 -24.89
N ASN A 286 18.86 -7.62 -23.73
CA ASN A 286 18.08 -8.79 -23.25
C ASN A 286 16.56 -8.63 -23.29
N GLN A 287 16.07 -7.47 -23.75
CA GLN A 287 14.63 -7.21 -23.94
C GLN A 287 13.83 -7.56 -22.69
N ILE A 288 14.14 -6.79 -21.65
CA ILE A 288 13.71 -7.06 -20.29
C ILE A 288 13.66 -5.72 -19.58
N ALA A 289 12.80 -5.61 -18.56
CA ALA A 289 12.62 -4.37 -17.83
C ALA A 289 12.29 -4.63 -16.38
N SER A 290 12.67 -3.67 -15.54
CA SER A 290 12.44 -3.71 -14.10
C SER A 290 10.98 -3.47 -13.79
N VAL A 291 10.47 -4.22 -12.83
CA VAL A 291 9.09 -4.11 -12.44
C VAL A 291 8.95 -3.45 -11.07
N ILE A 292 10.05 -2.92 -10.53
CA ILE A 292 10.08 -2.35 -9.16
C ILE A 292 9.22 -1.06 -9.06
N PRO A 293 9.30 -0.19 -10.10
CA PRO A 293 8.40 0.97 -10.13
C PRO A 293 6.96 0.56 -10.01
N LYS A 294 6.56 -0.44 -10.79
CA LYS A 294 5.19 -0.86 -10.69
C LYS A 294 4.86 -1.44 -9.32
N ILE A 295 5.79 -2.22 -8.76
CA ILE A 295 5.57 -2.78 -7.43
C ILE A 295 5.33 -1.70 -6.34
N ILE A 296 6.13 -0.65 -6.39
CA ILE A 296 6.01 0.46 -5.46
C ILE A 296 4.69 1.21 -5.64
N LYS A 297 4.39 1.58 -6.88
CA LYS A 297 3.15 2.28 -7.21
C LYS A 297 1.97 1.45 -6.79
N THR A 298 2.01 0.15 -7.09
CA THR A 298 0.91 -0.75 -6.74
C THR A 298 0.71 -0.82 -5.25
N GLY A 299 1.80 -0.93 -4.49
CA GLY A 299 1.70 -1.13 -3.05
C GLY A 299 1.15 0.08 -2.32
N PHE A 300 1.55 1.26 -2.80
CA PHE A 300 1.10 2.55 -2.31
C PHE A 300 -0.40 2.72 -2.56
N ALA A 301 -0.87 2.32 -3.72
CA ALA A 301 -2.30 2.35 -4.01
C ALA A 301 -3.08 1.31 -3.17
N ALA A 302 -2.53 0.10 -3.02
CA ALA A 302 -3.26 -0.97 -2.37
C ALA A 302 -3.57 -0.67 -0.88
N ILE A 303 -2.70 0.10 -0.24
CA ILE A 303 -2.94 0.64 1.13
C ILE A 303 -3.77 1.96 1.15
N HIS A 304 -4.40 2.28 0.01
CA HIS A 304 -5.41 3.33 -0.08
C HIS A 304 -4.83 4.73 0.04
N LEU A 305 -3.58 4.88 -0.40
CA LEU A 305 -2.95 6.18 -0.44
C LEU A 305 -3.03 6.70 -1.85
N ILE A 306 -3.12 8.02 -1.95
CA ILE A 306 -3.02 8.74 -3.21
C ILE A 306 -2.24 9.99 -2.86
N TYR A 307 -2.02 10.83 -3.85
CA TYR A 307 -1.52 12.15 -3.60
C TYR A 307 -2.10 13.11 -4.61
N PHE A 308 -2.02 14.39 -4.26
CA PHE A 308 -2.35 15.50 -5.16
C PHE A 308 -1.08 16.34 -5.31
N PHE A 309 -1.02 17.15 -6.36
CA PHE A 309 0.17 17.90 -6.62
C PHE A 309 -0.07 19.34 -6.29
N THR A 310 1.01 20.02 -5.91
CA THR A 310 1.10 21.47 -6.00
C THR A 310 2.27 21.71 -6.90
N ALA A 311 2.19 22.79 -7.68
CA ALA A 311 3.11 22.99 -8.80
C ALA A 311 3.21 24.46 -9.18
N GLY A 312 4.35 25.05 -8.86
CA GLY A 312 4.74 26.34 -9.38
C GLY A 312 6.25 26.37 -9.47
N PRO A 313 6.83 27.55 -9.79
CA PRO A 313 8.28 27.67 -9.88
C PRO A 313 9.03 27.43 -8.55
N ASP A 314 8.41 27.77 -7.42
CA ASP A 314 9.04 27.52 -6.12
C ASP A 314 9.16 26.01 -5.87
N GLU A 315 8.15 25.25 -6.30
CA GLU A 315 8.02 23.85 -5.86
C GLU A 315 6.99 23.07 -6.66
N VAL A 316 7.33 21.81 -6.94
CA VAL A 316 6.38 20.80 -7.40
C VAL A 316 6.46 19.63 -6.42
N LYS A 317 5.31 19.21 -5.91
CA LYS A 317 5.29 18.28 -4.79
C LYS A 317 4.13 17.33 -4.86
N CYS A 318 4.32 16.12 -4.35
CA CYS A 318 3.26 15.15 -4.21
C CYS A 318 2.91 15.19 -2.75
N TRP A 319 1.63 15.43 -2.46
CA TRP A 319 1.10 15.62 -1.12
C TRP A 319 0.18 14.44 -0.87
N GLN A 320 0.69 13.44 -0.15
CA GLN A 320 -0.07 12.21 0.05
C GLN A 320 -1.21 12.33 1.03
N ILE A 321 -2.31 11.61 0.73
CA ILE A 321 -3.48 11.54 1.57
C ILE A 321 -4.11 10.16 1.41
N ARG A 322 -4.93 9.77 2.39
CA ARG A 322 -5.71 8.54 2.29
C ARG A 322 -6.83 8.83 1.27
N ARG A 323 -7.25 7.80 0.54
CA ARG A 323 -8.34 7.92 -0.47
C ARG A 323 -9.59 8.38 0.27
N GLN A 324 -10.42 9.18 -0.39
CA GLN A 324 -11.66 9.75 0.18
C GLN A 324 -11.47 10.97 1.09
N THR A 325 -10.24 11.42 1.31
CA THR A 325 -9.99 12.69 1.97
C THR A 325 -10.63 13.85 1.19
N LYS A 326 -11.32 14.73 1.88
CA LYS A 326 -11.96 15.91 1.26
C LYS A 326 -11.00 17.06 1.27
N ALA A 327 -11.30 18.07 0.47
CA ALA A 327 -10.35 19.17 0.21
C ALA A 327 -9.80 19.90 1.43
N PRO A 328 -10.65 20.20 2.44
CA PRO A 328 -10.12 20.95 3.56
C PRO A 328 -9.20 20.11 4.42
N GLN A 329 -9.48 18.81 4.57
CA GLN A 329 -8.51 17.92 5.24
C GLN A 329 -7.22 17.88 4.40
N ALA A 330 -7.36 17.80 3.09
CA ALA A 330 -6.19 17.84 2.23
C ALA A 330 -5.42 19.15 2.38
N ALA A 331 -6.14 20.26 2.47
CA ALA A 331 -5.53 21.58 2.71
C ALA A 331 -4.77 21.62 4.01
N GLY A 332 -5.40 21.06 5.03
CA GLY A 332 -4.80 20.89 6.34
C GLY A 332 -3.41 20.28 6.36
N THR A 333 -3.16 19.28 5.51
CA THR A 333 -1.86 18.58 5.47
C THR A 333 -0.71 19.52 5.06
N ILE A 334 -1.02 20.58 4.32
CA ILE A 334 0.01 21.55 3.95
C ILE A 334 0.22 22.57 5.07
N HIS A 335 -0.88 23.13 5.54
CA HIS A 335 -0.84 24.11 6.60
C HIS A 335 -2.19 24.15 7.21
N THR A 336 -2.22 24.16 8.53
CA THR A 336 -3.46 24.08 9.28
C THR A 336 -4.42 25.27 8.99
N ASP A 337 -3.85 26.46 8.78
CA ASP A 337 -4.57 27.65 8.30
C ASP A 337 -5.39 27.43 7.05
N PHE A 338 -4.88 26.60 6.14
CA PHE A 338 -5.59 26.30 4.90
C PHE A 338 -6.89 25.52 5.15
N GLU A 339 -6.92 24.73 6.23
CA GLU A 339 -8.15 24.06 6.67
C GLU A 339 -9.02 24.96 7.58
N ARG A 340 -8.41 25.61 8.58
CA ARG A 340 -9.14 26.51 9.48
C ARG A 340 -9.81 27.63 8.68
N GLY A 341 -9.05 28.29 7.80
CA GLY A 341 -9.59 29.31 6.91
C GLY A 341 -10.15 28.88 5.55
N PHE A 342 -10.44 27.59 5.36
CA PHE A 342 -10.74 27.07 4.03
C PHE A 342 -11.84 27.85 3.27
N ILE A 343 -11.50 28.45 2.12
CA ILE A 343 -12.52 29.03 1.24
C ILE A 343 -12.83 28.02 0.12
N CYS A 344 -11.86 27.79 -0.77
CA CYS A 344 -12.02 26.79 -1.81
C CYS A 344 -10.68 26.15 -2.17
N ALA A 345 -10.77 25.04 -2.90
CA ALA A 345 -9.62 24.41 -3.60
C ALA A 345 -9.72 24.65 -5.08
N GLU A 346 -8.74 25.32 -5.67
CA GLU A 346 -8.70 25.50 -7.10
C GLU A 346 -8.03 24.29 -7.76
N VAL A 347 -8.76 23.57 -8.61
CA VAL A 347 -8.29 22.28 -9.12
C VAL A 347 -8.19 22.15 -10.64
N MET A 348 -6.98 21.80 -11.13
CA MET A 348 -6.74 21.34 -12.50
C MET A 348 -6.50 19.85 -12.57
N LYS A 349 -7.17 19.19 -13.49
CA LYS A 349 -6.86 17.80 -13.84
C LYS A 349 -5.60 17.76 -14.67
N PHE A 350 -4.72 16.79 -14.40
CA PHE A 350 -3.44 16.65 -15.15
C PHE A 350 -3.63 16.55 -16.67
N ASP A 351 -4.63 15.79 -17.09
CA ASP A 351 -4.87 15.63 -18.54
C ASP A 351 -5.18 16.97 -19.22
N ASP A 352 -5.90 17.86 -18.52
CA ASP A 352 -6.26 19.17 -19.08
C ASP A 352 -5.04 20.08 -19.16
N LEU A 353 -4.18 20.05 -18.14
CA LEU A 353 -2.91 20.78 -18.23
C LEU A 353 -1.97 20.26 -19.33
N LYS A 354 -1.92 18.94 -19.50
CA LYS A 354 -1.06 18.33 -20.53
C LYS A 354 -1.55 18.76 -21.92
N GLU A 355 -2.85 18.56 -22.15
CA GLU A 355 -3.53 18.85 -23.40
C GLU A 355 -3.31 20.31 -23.81
N LEU A 356 -3.75 21.22 -22.95
CA LEU A 356 -3.77 22.66 -23.25
C LEU A 356 -2.44 23.38 -23.01
N GLY A 357 -1.50 22.76 -22.29
CA GLY A 357 -0.12 23.25 -22.23
C GLY A 357 0.29 24.22 -21.15
N SER A 358 -0.67 24.85 -20.46
CA SER A 358 -0.36 25.86 -19.42
C SER A 358 -1.56 26.15 -18.53
N GLU A 359 -1.29 26.66 -17.33
CA GLU A 359 -2.36 27.08 -16.40
C GLU A 359 -3.26 28.13 -17.05
N SER A 360 -2.62 29.16 -17.63
CA SER A 360 -3.32 30.16 -18.43
C SER A 360 -4.34 29.57 -19.39
N ALA A 361 -3.88 28.68 -20.26
CA ALA A 361 -4.76 28.02 -21.24
C ALA A 361 -5.89 27.23 -20.59
N VAL A 362 -5.62 26.61 -19.43
CA VAL A 362 -6.63 25.87 -18.66
C VAL A 362 -7.68 26.82 -18.10
N LYS A 363 -7.22 27.95 -17.56
CA LYS A 363 -8.12 29.01 -17.11
C LYS A 363 -8.94 29.55 -18.29
N ALA A 364 -8.25 29.99 -19.33
CA ALA A 364 -8.89 30.46 -20.57
C ALA A 364 -10.02 29.52 -20.97
N ALA A 365 -9.71 28.22 -21.07
CA ALA A 365 -10.69 27.20 -21.44
C ALA A 365 -11.76 26.92 -20.41
N GLY A 366 -11.63 27.47 -19.20
CA GLY A 366 -12.68 27.35 -18.19
C GLY A 366 -12.72 26.00 -17.50
N LYS A 367 -11.56 25.34 -17.43
CA LYS A 367 -11.44 24.05 -16.74
C LYS A 367 -10.61 24.15 -15.47
N TYR A 368 -10.16 25.36 -15.11
CA TYR A 368 -9.57 25.64 -13.80
C TYR A 368 -10.69 25.70 -12.75
N ARG A 369 -11.13 24.53 -12.31
CA ARG A 369 -12.28 24.39 -11.40
C ARG A 369 -12.03 25.00 -10.01
N GLN A 370 -13.11 25.23 -9.29
CA GLN A 370 -13.10 25.89 -8.00
C GLN A 370 -13.96 24.99 -7.13
N GLU A 371 -13.34 24.28 -6.20
CA GLU A 371 -14.01 23.16 -5.53
C GLU A 371 -14.13 23.43 -4.02
N GLY A 372 -15.22 22.93 -3.44
CA GLY A 372 -15.62 23.33 -2.09
C GLY A 372 -15.28 22.28 -1.06
N LYS A 373 -15.87 22.46 0.12
CA LYS A 373 -15.58 21.66 1.30
C LYS A 373 -15.95 20.17 1.18
N THR A 374 -16.89 19.86 0.30
CA THR A 374 -17.35 18.48 0.05
C THR A 374 -16.62 17.76 -1.07
N TYR A 375 -15.79 18.48 -1.82
CA TYR A 375 -15.02 17.92 -2.91
C TYR A 375 -14.04 16.87 -2.40
N VAL A 376 -14.16 15.67 -2.97
CA VAL A 376 -13.26 14.56 -2.69
C VAL A 376 -12.06 14.69 -3.64
N VAL A 377 -10.86 14.79 -3.07
CA VAL A 377 -9.65 14.97 -3.86
C VAL A 377 -9.39 13.71 -4.68
N GLN A 378 -9.15 13.89 -5.97
CA GLN A 378 -8.82 12.79 -6.87
C GLN A 378 -7.31 12.72 -7.05
N ASP A 379 -6.80 11.49 -7.16
CA ASP A 379 -5.39 11.26 -7.37
C ASP A 379 -4.99 11.97 -8.65
N GLY A 380 -3.95 12.79 -8.56
CA GLY A 380 -3.48 13.56 -9.70
C GLY A 380 -3.90 15.04 -9.72
N ASP A 381 -4.89 15.41 -8.92
CA ASP A 381 -5.37 16.80 -8.84
C ASP A 381 -4.22 17.75 -8.54
N ILE A 382 -4.13 18.83 -9.33
CA ILE A 382 -3.17 19.89 -9.11
C ILE A 382 -3.91 21.00 -8.38
N ILE A 383 -3.51 21.29 -7.15
CA ILE A 383 -4.33 22.14 -6.30
C ILE A 383 -3.61 23.40 -5.85
N PHE A 384 -4.38 24.47 -5.80
CA PHE A 384 -3.99 25.68 -5.15
C PHE A 384 -5.15 26.05 -4.23
N PHE A 385 -4.85 26.24 -2.95
CA PHE A 385 -5.87 26.41 -1.93
C PHE A 385 -6.13 27.89 -1.67
N LYS A 386 -7.39 28.27 -1.61
CA LYS A 386 -7.80 29.63 -1.23
C LYS A 386 -8.37 29.65 0.21
N PHE A 387 -7.91 30.58 1.05
CA PHE A 387 -8.28 30.58 2.47
C PHE A 387 -8.21 31.95 3.17
N ASN A 388 -8.99 32.10 4.24
CA ASN A 388 -8.99 33.28 5.15
C ASN A 388 -9.53 34.53 4.44
#